data_7Z7C
#
_entry.id   7Z7C
#
_cell.length_a   96.227
_cell.length_b   40.602
_cell.length_c   45.631
_cell.angle_alpha   90.000
_cell.angle_beta   113.910
_cell.angle_gamma   90.000
#
_symmetry.space_group_name_H-M   'C 1 2 1'
#
loop_
_entity.id
_entity.type
_entity.pdbx_description
1 polymer 'Broadly neutralizing DARPin bnD.8'
2 polymer 'Envelope glycoprotein gp160'
3 non-polymer GLYCINE
4 non-polymer 1,2-ETHANEDIOL
5 water water
#
loop_
_entity_poly.entity_id
_entity_poly.type
_entity_poly.pdbx_seq_one_letter_code
_entity_poly.pdbx_strand_id
1 'polypeptide(L)'
;GSDLGKKLLEAAVDGQDDEVRILMANGADVNAADWWGLTPLHLAAWHGHLEIVEVLLKTGADVNASDNNGITPLHLAAAR
GHLEIVEVLLKAGADVNARDTSGDTPLHLAAMQGHLEIVEVLLKHGADVNAQDKFGKTPFDLAIDNGNEDIAEVLQKAAK
LN
;
A
2 'polypeptide(L)' KSVHLGPGQAFYATDGIIGEIR B
#
# COMPACT_ATOMS: atom_id res chain seq x y z
N ASP A 3 -20.89 -4.01 -13.58
CA ASP A 3 -21.31 -4.91 -12.47
C ASP A 3 -20.99 -4.20 -11.13
N LEU A 4 -21.44 -4.76 -10.00
CA LEU A 4 -21.34 -4.08 -8.68
C LEU A 4 -19.87 -3.97 -8.27
N GLY A 5 -19.06 -4.98 -8.63
CA GLY A 5 -17.62 -4.98 -8.29
C GLY A 5 -16.91 -3.82 -8.98
N LYS A 6 -17.15 -3.61 -10.28
CA LYS A 6 -16.56 -2.44 -11.00
C LYS A 6 -16.94 -1.12 -10.32
N LYS A 7 -18.23 -0.95 -9.98
CA LYS A 7 -18.69 0.31 -9.39
C LYS A 7 -18.03 0.46 -8.01
N LEU A 8 -17.85 -0.64 -7.27
CA LEU A 8 -17.24 -0.55 -5.93
C LEU A 8 -15.77 -0.13 -6.09
N LEU A 9 -15.09 -0.70 -7.08
CA LEU A 9 -13.67 -0.28 -7.31
C LEU A 9 -13.66 1.23 -7.61
N GLU A 10 -14.54 1.67 -8.52
CA GLU A 10 -14.63 3.12 -8.86
C GLU A 10 -15.00 3.97 -7.61
N ALA A 11 -15.97 3.52 -6.82
CA ALA A 11 -16.38 4.26 -5.60
C ALA A 11 -15.21 4.37 -4.63
N ALA A 12 -14.42 3.30 -4.49
CA ALA A 12 -13.33 3.23 -3.50
C ALA A 12 -12.19 4.18 -3.91
N VAL A 13 -11.88 4.25 -5.19
CA VAL A 13 -10.72 5.10 -5.61
C VAL A 13 -11.12 6.58 -5.59
N ASP A 14 -12.42 6.85 -5.78
CA ASP A 14 -12.96 8.22 -5.94
C ASP A 14 -13.49 8.77 -4.62
N GLY A 15 -13.41 8.03 -3.51
CA GLY A 15 -13.77 8.55 -2.18
C GLY A 15 -15.28 8.63 -1.95
N GLN A 16 -16.07 7.83 -2.68
CA GLN A 16 -17.55 7.89 -2.64
C GLN A 16 -18.03 7.07 -1.42
N ASP A 17 -17.84 7.59 -0.19
CA ASP A 17 -18.21 6.92 1.08
C ASP A 17 -19.64 6.37 0.97
N ASP A 18 -20.60 7.23 0.67
CA ASP A 18 -22.02 6.81 0.57
C ASP A 18 -22.18 5.68 -0.43
N GLU A 19 -21.56 5.80 -1.60
CA GLU A 19 -21.77 4.79 -2.67
C GLU A 19 -21.17 3.46 -2.22
N VAL A 20 -20.02 3.51 -1.57
CA VAL A 20 -19.38 2.25 -1.09
C VAL A 20 -20.39 1.52 -0.18
N ARG A 21 -21.04 2.24 0.72
CA ARG A 21 -22.01 1.60 1.62
C ARG A 21 -23.23 1.09 0.84
N ILE A 22 -23.76 1.90 -0.09
CA ILE A 22 -24.90 1.48 -0.95
C ILE A 22 -24.54 0.21 -1.72
N LEU A 23 -23.36 0.15 -2.32
CA LEU A 23 -22.99 -1.02 -3.13
C LEU A 23 -22.85 -2.26 -2.24
N MET A 24 -22.28 -2.11 -1.06
N MET A 24 -22.18 -2.10 -1.09
CA MET A 24 -22.08 -3.30 -0.18
CA MET A 24 -22.06 -3.18 -0.09
C MET A 24 -23.42 -3.74 0.40
C MET A 24 -23.46 -3.71 0.20
N ALA A 25 -24.38 -2.81 0.58
CA ALA A 25 -25.77 -3.12 0.98
C ALA A 25 -26.49 -3.90 -0.13
N ASN A 26 -26.13 -3.62 -1.38
CA ASN A 26 -26.78 -4.22 -2.58
C ASN A 26 -26.01 -5.48 -2.99
N GLY A 27 -25.02 -5.90 -2.18
CA GLY A 27 -24.37 -7.23 -2.28
C GLY A 27 -23.07 -7.22 -3.08
N ALA A 28 -22.47 -6.05 -3.30
CA ALA A 28 -21.15 -5.98 -3.95
C ALA A 28 -20.15 -6.79 -3.13
N ASP A 29 -19.27 -7.46 -3.83
CA ASP A 29 -18.15 -8.22 -3.23
C ASP A 29 -17.08 -7.22 -2.80
N VAL A 30 -16.87 -7.14 -1.49
N VAL A 30 -16.85 -7.12 -1.50
CA VAL A 30 -15.88 -6.22 -0.86
CA VAL A 30 -15.85 -6.18 -0.91
C VAL A 30 -14.47 -6.53 -1.40
C VAL A 30 -14.45 -6.54 -1.40
N ASN A 31 -14.22 -7.76 -1.86
CA ASN A 31 -12.93 -8.25 -2.36
C ASN A 31 -12.94 -8.40 -3.88
N ALA A 32 -13.87 -7.73 -4.56
CA ALA A 32 -13.91 -7.63 -6.04
C ALA A 32 -12.51 -7.30 -6.53
N ALA A 33 -12.02 -8.07 -7.49
CA ALA A 33 -10.68 -7.83 -8.06
C ALA A 33 -10.82 -7.59 -9.53
N ASP A 34 -10.12 -6.57 -10.02
CA ASP A 34 -10.02 -6.34 -11.45
C ASP A 34 -8.96 -7.29 -12.05
N TRP A 35 -8.91 -7.22 -13.40
CA TRP A 35 -7.90 -7.94 -14.25
C TRP A 35 -6.48 -7.93 -13.63
N TRP A 36 -6.13 -6.80 -13.01
CA TRP A 36 -4.78 -6.51 -12.46
C TRP A 36 -4.64 -6.97 -11.00
N GLY A 37 -5.65 -7.65 -10.44
CA GLY A 37 -5.57 -8.11 -9.03
C GLY A 37 -5.88 -7.01 -8.04
N LEU A 38 -6.35 -5.85 -8.46
CA LEU A 38 -6.58 -4.71 -7.53
C LEU A 38 -7.99 -4.80 -6.96
N THR A 39 -8.08 -4.56 -5.68
CA THR A 39 -9.35 -4.66 -4.90
C THR A 39 -9.77 -3.27 -4.45
N PRO A 40 -11.00 -3.11 -3.96
CA PRO A 40 -11.40 -1.83 -3.41
C PRO A 40 -10.45 -1.30 -2.33
N LEU A 41 -10.01 -2.17 -1.46
CA LEU A 41 -9.12 -1.74 -0.38
C LEU A 41 -7.81 -1.23 -0.95
N HIS A 42 -7.26 -1.87 -1.97
CA HIS A 42 -6.03 -1.30 -2.61
C HIS A 42 -6.33 0.14 -3.02
N LEU A 43 -7.43 0.36 -3.71
CA LEU A 43 -7.67 1.67 -4.37
C LEU A 43 -7.96 2.71 -3.29
N ALA A 44 -8.74 2.38 -2.26
CA ALA A 44 -8.96 3.31 -1.14
C ALA A 44 -7.65 3.61 -0.40
N ALA A 45 -6.81 2.61 -0.19
CA ALA A 45 -5.52 2.79 0.50
C ALA A 45 -4.60 3.69 -0.35
N TRP A 46 -4.63 3.51 -1.66
CA TRP A 46 -3.78 4.27 -2.63
C TRP A 46 -4.18 5.74 -2.60
N HIS A 47 -5.48 6.01 -2.63
CA HIS A 47 -5.97 7.41 -2.79
C HIS A 47 -6.22 8.09 -1.43
N GLY A 48 -5.94 7.43 -0.30
CA GLY A 48 -6.00 8.06 1.03
C GLY A 48 -7.44 8.16 1.56
N HIS A 49 -8.36 7.28 1.14
CA HIS A 49 -9.77 7.33 1.59
C HIS A 49 -9.93 6.53 2.89
N LEU A 50 -9.62 7.17 4.00
CA LEU A 50 -9.58 6.50 5.34
C LEU A 50 -10.93 5.90 5.72
N GLU A 51 -12.01 6.66 5.58
N GLU A 51 -12.03 6.66 5.65
CA GLU A 51 -13.34 6.17 6.03
CA GLU A 51 -13.35 6.10 6.07
C GLU A 51 -13.73 4.94 5.21
C GLU A 51 -13.63 4.86 5.23
N ILE A 52 -13.39 4.91 3.91
CA ILE A 52 -13.69 3.77 3.03
C ILE A 52 -12.82 2.59 3.47
N VAL A 53 -11.54 2.84 3.75
CA VAL A 53 -10.66 1.72 4.20
C VAL A 53 -11.31 1.08 5.43
N GLU A 54 -11.79 1.91 6.35
CA GLU A 54 -12.36 1.42 7.62
C GLU A 54 -13.64 0.62 7.32
N VAL A 55 -14.53 1.15 6.48
CA VAL A 55 -15.80 0.48 6.07
C VAL A 55 -15.46 -0.87 5.39
N LEU A 56 -14.50 -0.87 4.47
CA LEU A 56 -14.17 -2.09 3.74
C LEU A 56 -13.63 -3.14 4.72
N LEU A 57 -12.77 -2.75 5.65
CA LEU A 57 -12.17 -3.70 6.62
C LEU A 57 -13.30 -4.23 7.52
N LYS A 58 -14.21 -3.36 7.90
CA LYS A 58 -15.35 -3.74 8.77
C LYS A 58 -16.24 -4.77 8.08
N THR A 59 -16.32 -4.71 6.74
CA THR A 59 -17.24 -5.51 5.90
C THR A 59 -16.49 -6.67 5.22
N GLY A 60 -15.29 -7.03 5.71
CA GLY A 60 -14.60 -8.28 5.35
C GLY A 60 -13.54 -8.11 4.27
N ALA A 61 -13.12 -6.90 3.94
CA ALA A 61 -12.05 -6.73 2.94
C ALA A 61 -10.80 -7.49 3.41
N ASP A 62 -10.08 -8.11 2.49
CA ASP A 62 -8.81 -8.81 2.72
C ASP A 62 -7.69 -7.80 2.84
N VAL A 63 -7.23 -7.56 4.02
CA VAL A 63 -6.18 -6.56 4.31
C VAL A 63 -4.87 -6.91 3.61
N ASN A 64 -4.63 -8.19 3.37
CA ASN A 64 -3.38 -8.72 2.79
C ASN A 64 -3.58 -9.13 1.32
N ALA A 65 -4.54 -8.57 0.58
CA ALA A 65 -4.79 -8.83 -0.81
C ALA A 65 -3.53 -8.35 -1.55
N SER A 66 -3.03 -9.12 -2.50
N SER A 66 -3.23 -9.03 -2.64
CA SER A 66 -1.97 -8.60 -3.37
CA SER A 66 -1.99 -8.84 -3.42
C SER A 66 -2.44 -8.60 -4.81
C SER A 66 -2.31 -8.75 -4.91
N ASP A 67 -1.92 -7.63 -5.57
CA ASP A 67 -2.27 -7.48 -6.97
C ASP A 67 -1.21 -8.27 -7.76
N ASN A 68 -1.27 -8.15 -9.09
CA ASN A 68 -0.41 -8.94 -10.01
C ASN A 68 1.08 -8.58 -9.79
N ASN A 69 1.37 -7.46 -9.13
CA ASN A 69 2.76 -7.05 -8.84
C ASN A 69 3.10 -7.35 -7.38
N GLY A 70 2.32 -8.18 -6.68
CA GLY A 70 2.57 -8.45 -5.27
C GLY A 70 2.33 -7.28 -4.37
N ILE A 71 1.70 -6.24 -4.83
CA ILE A 71 1.49 -5.03 -4.05
C ILE A 71 0.22 -5.22 -3.23
N THR A 72 0.38 -4.95 -1.96
CA THR A 72 -0.66 -5.02 -0.85
C THR A 72 -1.17 -3.62 -0.55
N PRO A 73 -2.34 -3.51 0.10
CA PRO A 73 -2.83 -2.19 0.51
C PRO A 73 -1.84 -1.44 1.39
N LEU A 74 -1.09 -2.17 2.20
CA LEU A 74 -0.11 -1.53 3.06
C LEU A 74 1.01 -0.98 2.19
N HIS A 75 1.52 -1.71 1.22
CA HIS A 75 2.54 -1.14 0.31
C HIS A 75 2.02 0.22 -0.20
N LEU A 76 0.78 0.26 -0.69
CA LEU A 76 0.26 1.44 -1.37
C LEU A 76 0.12 2.59 -0.38
N ALA A 77 -0.40 2.35 0.81
CA ALA A 77 -0.57 3.41 1.81
C ALA A 77 0.82 3.90 2.28
N ALA A 78 1.77 2.98 2.43
CA ALA A 78 3.11 3.33 2.90
C ALA A 78 3.79 4.18 1.81
N ALA A 79 3.69 3.78 0.55
CA ALA A 79 4.38 4.44 -0.57
C ALA A 79 3.77 5.83 -0.77
N ARG A 80 2.45 5.95 -0.64
CA ARG A 80 1.66 7.15 -1.02
C ARG A 80 1.56 8.11 0.17
N GLY A 81 2.10 7.75 1.32
CA GLY A 81 2.18 8.64 2.47
C GLY A 81 0.90 8.78 3.26
N HIS A 82 0.05 7.76 3.26
CA HIS A 82 -1.22 7.81 4.03
C HIS A 82 -1.03 7.18 5.42
N LEU A 83 -0.57 7.99 6.38
CA LEU A 83 -0.15 7.49 7.71
C LEU A 83 -1.31 6.82 8.46
N GLU A 84 -2.48 7.48 8.55
CA GLU A 84 -3.59 6.94 9.34
C GLU A 84 -4.02 5.63 8.71
N ILE A 85 -4.02 5.57 7.40
CA ILE A 85 -4.37 4.28 6.71
C ILE A 85 -3.33 3.21 7.08
N VAL A 86 -2.03 3.52 7.05
CA VAL A 86 -1.00 2.54 7.47
C VAL A 86 -1.37 1.98 8.85
N GLU A 87 -1.71 2.88 9.77
CA GLU A 87 -1.98 2.49 11.16
C GLU A 87 -3.20 1.55 11.18
N VAL A 88 -4.26 1.89 10.47
CA VAL A 88 -5.50 1.09 10.46
C VAL A 88 -5.21 -0.27 9.82
N LEU A 89 -4.45 -0.26 8.72
CA LEU A 89 -4.17 -1.54 8.04
C LEU A 89 -3.35 -2.44 8.96
N LEU A 90 -2.34 -1.93 9.67
CA LEU A 90 -1.54 -2.76 10.61
C LEU A 90 -2.42 -3.30 11.76
N LYS A 91 -3.35 -2.49 12.24
CA LYS A 91 -4.22 -2.91 13.36
C LYS A 91 -5.12 -4.07 12.91
N ALA A 92 -5.51 -4.07 11.63
CA ALA A 92 -6.37 -5.09 10.98
C ALA A 92 -5.58 -6.34 10.58
N GLY A 93 -4.26 -6.39 10.77
CA GLY A 93 -3.41 -7.55 10.46
C GLY A 93 -2.63 -7.48 9.17
N ALA A 94 -2.47 -6.29 8.60
CA ALA A 94 -1.60 -6.19 7.40
C ALA A 94 -0.24 -6.79 7.67
N ASP A 95 0.33 -7.55 6.77
CA ASP A 95 1.67 -8.13 6.90
C ASP A 95 2.69 -7.02 6.70
N VAL A 96 3.28 -6.60 7.77
CA VAL A 96 4.18 -5.43 7.77
C VAL A 96 5.37 -5.69 6.86
N ASN A 97 5.75 -6.95 6.68
CA ASN A 97 6.95 -7.35 5.90
C ASN A 97 6.62 -8.06 4.58
N ALA A 98 5.45 -7.77 3.97
CA ALA A 98 5.08 -8.24 2.69
C ALA A 98 6.09 -7.79 1.63
N ARG A 99 6.56 -8.73 0.83
CA ARG A 99 7.32 -8.38 -0.37
C ARG A 99 6.46 -8.34 -1.60
N ASP A 100 6.65 -7.28 -2.40
CA ASP A 100 6.08 -7.22 -3.76
C ASP A 100 7.07 -7.96 -4.68
N THR A 101 6.76 -7.97 -5.96
CA THR A 101 7.53 -8.72 -6.98
C THR A 101 8.90 -8.11 -7.29
N SER A 102 9.17 -6.92 -6.76
CA SER A 102 10.53 -6.35 -6.73
C SER A 102 11.28 -6.74 -5.44
N GLY A 103 10.67 -7.53 -4.51
CA GLY A 103 11.18 -7.72 -3.19
C GLY A 103 11.13 -6.49 -2.30
N ASP A 104 10.33 -5.51 -2.64
CA ASP A 104 10.24 -4.34 -1.78
C ASP A 104 9.14 -4.59 -0.75
N THR A 105 9.46 -4.21 0.47
CA THR A 105 8.56 -4.21 1.63
C THR A 105 7.91 -2.82 1.75
N PRO A 106 6.87 -2.69 2.55
CA PRO A 106 6.32 -1.38 2.85
C PRO A 106 7.40 -0.41 3.39
N LEU A 107 8.31 -0.93 4.22
CA LEU A 107 9.39 -0.08 4.75
C LEU A 107 10.29 0.39 3.60
N HIS A 108 10.62 -0.47 2.64
CA HIS A 108 11.41 0.01 1.47
C HIS A 108 10.70 1.16 0.77
N LEU A 109 9.40 1.06 0.59
CA LEU A 109 8.67 2.01 -0.27
C LEU A 109 8.49 3.31 0.52
N ALA A 110 8.29 3.26 1.85
CA ALA A 110 8.14 4.48 2.66
C ALA A 110 9.50 5.19 2.69
N ALA A 111 10.59 4.42 2.78
CA ALA A 111 11.96 5.00 2.83
C ALA A 111 12.28 5.65 1.48
N MET A 112 11.96 4.99 0.38
CA MET A 112 12.18 5.48 -1.01
C MET A 112 11.36 6.76 -1.22
N GLN A 113 10.13 6.81 -0.74
CA GLN A 113 9.18 7.88 -1.08
C GLN A 113 9.24 9.01 -0.06
N GLY A 114 10.04 8.86 0.98
CA GLY A 114 10.32 9.93 1.95
C GLY A 114 9.23 10.14 2.97
N HIS A 115 8.60 9.07 3.44
CA HIS A 115 7.52 9.18 4.44
C HIS A 115 8.05 8.72 5.81
N LEU A 116 8.56 9.66 6.59
CA LEU A 116 9.31 9.38 7.83
C LEU A 116 8.39 8.87 8.95
N GLU A 117 7.25 9.50 9.19
CA GLU A 117 6.43 8.97 10.30
C GLU A 117 5.95 7.57 9.91
N ILE A 118 5.66 7.30 8.62
CA ILE A 118 5.27 5.92 8.22
C ILE A 118 6.44 4.96 8.49
N VAL A 119 7.67 5.33 8.14
CA VAL A 119 8.82 4.45 8.48
C VAL A 119 8.79 4.12 9.99
N GLU A 120 8.61 5.14 10.83
CA GLU A 120 8.65 4.94 12.30
C GLU A 120 7.53 3.98 12.74
N VAL A 121 6.31 4.16 12.25
CA VAL A 121 5.19 3.24 12.60
C VAL A 121 5.52 1.83 12.09
N LEU A 122 5.98 1.69 10.86
CA LEU A 122 6.33 0.34 10.34
C LEU A 122 7.37 -0.31 11.27
N LEU A 123 8.41 0.43 11.64
CA LEU A 123 9.46 -0.14 12.52
C LEU A 123 8.84 -0.57 13.86
N LYS A 124 7.95 0.25 14.41
CA LYS A 124 7.26 -0.05 15.67
C LYS A 124 6.50 -1.37 15.55
N HIS A 125 5.95 -1.68 14.38
CA HIS A 125 5.11 -2.89 14.18
C HIS A 125 5.94 -4.04 13.61
N GLY A 126 7.28 -4.01 13.69
CA GLY A 126 8.11 -5.20 13.42
C GLY A 126 8.64 -5.22 11.99
N ALA A 127 8.65 -4.08 11.31
CA ALA A 127 9.21 -4.06 9.94
C ALA A 127 10.66 -4.56 10.02
N ASP A 128 11.05 -5.30 9.00
CA ASP A 128 12.38 -5.91 8.88
C ASP A 128 13.39 -4.90 8.35
N VAL A 129 14.23 -4.32 9.21
N VAL A 129 14.24 -4.39 9.24
CA VAL A 129 15.14 -3.24 8.73
CA VAL A 129 15.19 -3.29 8.91
C VAL A 129 16.15 -3.80 7.74
C VAL A 129 16.23 -3.77 7.90
N ASN A 130 16.50 -5.08 7.90
CA ASN A 130 17.54 -5.72 7.07
C ASN A 130 17.00 -6.24 5.73
N ALA A 131 15.70 -6.10 5.40
CA ALA A 131 15.11 -6.63 4.21
C ALA A 131 15.82 -6.14 2.95
N GLN A 132 16.18 -7.03 2.09
CA GLN A 132 16.82 -6.70 0.82
C GLN A 132 15.89 -7.01 -0.33
N ASP A 133 15.65 -6.02 -1.18
CA ASP A 133 14.87 -6.23 -2.41
C ASP A 133 15.71 -6.99 -3.41
N LYS A 134 15.10 -7.19 -4.57
CA LYS A 134 15.72 -8.11 -5.57
C LYS A 134 16.91 -7.40 -6.23
N PHE A 135 17.03 -6.10 -5.99
CA PHE A 135 18.14 -5.27 -6.52
C PHE A 135 19.22 -5.10 -5.43
N GLY A 136 19.09 -5.82 -4.31
CA GLY A 136 20.10 -5.85 -3.24
C GLY A 136 20.05 -4.65 -2.35
N LYS A 137 18.93 -3.94 -2.31
CA LYS A 137 18.80 -2.70 -1.52
C LYS A 137 18.01 -2.97 -0.24
N THR A 138 18.50 -2.43 0.87
CA THR A 138 17.75 -2.31 2.12
C THR A 138 16.96 -1.00 2.11
N PRO A 139 15.97 -0.86 3.02
CA PRO A 139 15.30 0.42 3.15
C PRO A 139 16.28 1.59 3.40
N PHE A 140 17.28 1.35 4.24
CA PHE A 140 18.33 2.36 4.51
C PHE A 140 18.96 2.76 3.15
N ASP A 141 19.35 1.78 2.34
CA ASP A 141 19.96 2.11 1.03
C ASP A 141 19.03 3.00 0.22
N LEU A 142 17.73 2.73 0.18
CA LEU A 142 16.80 3.53 -0.67
C LEU A 142 16.66 4.92 -0.09
N ALA A 143 16.67 5.03 1.23
CA ALA A 143 16.60 6.35 1.88
C ALA A 143 17.83 7.15 1.41
N ILE A 144 19.00 6.56 1.55
CA ILE A 144 20.28 7.21 1.16
C ILE A 144 20.20 7.62 -0.32
N ASP A 145 19.81 6.69 -1.19
CA ASP A 145 19.77 6.91 -2.66
C ASP A 145 18.88 8.10 -3.02
N ASN A 146 17.83 8.33 -2.22
CA ASN A 146 16.74 9.31 -2.51
C ASN A 146 16.98 10.57 -1.66
N GLY A 147 18.12 10.65 -0.97
CA GLY A 147 18.51 11.82 -0.17
C GLY A 147 17.57 12.03 0.99
N ASN A 148 16.95 10.95 1.49
CA ASN A 148 16.02 11.01 2.64
C ASN A 148 16.86 10.83 3.92
N GLU A 149 17.61 11.87 4.33
CA GLU A 149 18.62 11.72 5.42
C GLU A 149 17.97 11.42 6.78
N ASP A 150 16.81 11.98 7.07
CA ASP A 150 16.11 11.75 8.36
C ASP A 150 15.77 10.26 8.45
N ILE A 151 15.18 9.73 7.39
CA ILE A 151 14.77 8.30 7.34
C ILE A 151 16.02 7.43 7.46
N ALA A 152 17.09 7.78 6.74
CA ALA A 152 18.35 7.00 6.79
C ALA A 152 18.86 6.93 8.24
N GLU A 153 18.86 8.06 8.96
CA GLU A 153 19.32 8.15 10.36
C GLU A 153 18.46 7.27 11.27
N VAL A 154 17.15 7.32 11.12
CA VAL A 154 16.22 6.49 11.94
C VAL A 154 16.47 5.01 11.65
N LEU A 155 16.66 4.61 10.39
CA LEU A 155 16.88 3.19 10.04
C LEU A 155 18.24 2.71 10.55
N GLN A 156 19.24 3.58 10.54
CA GLN A 156 20.58 3.20 11.04
C GLN A 156 20.45 2.92 12.55
N LYS A 157 19.67 3.72 13.28
CA LYS A 157 19.48 3.52 14.74
C LYS A 157 18.74 2.20 15.00
N ALA A 158 17.66 1.95 14.27
CA ALA A 158 16.84 0.73 14.39
C ALA A 158 17.72 -0.49 14.14
N ALA A 159 18.68 -0.40 13.21
CA ALA A 159 19.53 -1.55 12.81
C ALA A 159 20.60 -1.79 13.87
N LYS A 160 20.99 -0.75 14.60
CA LYS A 160 21.75 -0.88 15.87
C LYS A 160 20.79 -1.40 16.95
N LYS B 1 3.81 6.91 -16.99
CA LYS B 1 3.79 6.07 -18.22
C LYS B 1 5.22 5.83 -18.73
N SER B 2 6.25 6.51 -18.20
CA SER B 2 7.67 6.09 -18.29
C SER B 2 7.89 4.86 -17.39
N VAL B 3 8.82 3.98 -17.76
CA VAL B 3 9.02 2.65 -17.09
C VAL B 3 10.14 2.82 -16.05
N HIS B 4 9.81 2.84 -14.76
N HIS B 4 9.76 2.90 -14.78
CA HIS B 4 10.80 2.93 -13.65
CA HIS B 4 10.68 2.84 -13.60
C HIS B 4 11.31 1.53 -13.29
C HIS B 4 11.27 1.43 -13.51
N LEU B 5 12.60 1.30 -13.53
CA LEU B 5 13.26 -0.02 -13.33
C LEU B 5 14.08 0.01 -12.04
N GLY B 6 14.23 -1.14 -11.39
CA GLY B 6 15.01 -1.19 -10.14
C GLY B 6 14.09 -1.02 -8.96
N PRO B 7 14.65 -0.64 -7.79
CA PRO B 7 13.86 -0.54 -6.59
C PRO B 7 12.60 0.28 -6.82
N GLY B 8 11.47 -0.23 -6.34
CA GLY B 8 10.20 0.46 -6.51
C GLY B 8 9.48 0.07 -7.80
N GLN B 9 10.05 -0.82 -8.61
CA GLN B 9 9.49 -1.17 -9.93
C GLN B 9 8.05 -1.70 -9.83
N ALA B 10 7.82 -2.63 -8.89
CA ALA B 10 6.48 -3.20 -8.71
C ALA B 10 5.52 -2.10 -8.31
N PHE B 11 5.91 -1.31 -7.31
CA PHE B 11 5.09 -0.19 -6.84
C PHE B 11 4.75 0.72 -8.03
N TYR B 12 5.75 1.15 -8.79
CA TYR B 12 5.49 2.14 -9.84
C TYR B 12 4.56 1.52 -10.87
N ALA B 13 4.68 0.22 -11.12
CA ALA B 13 3.84 -0.49 -12.11
C ALA B 13 2.39 -0.43 -11.65
N THR B 14 2.17 -0.78 -10.40
CA THR B 14 0.78 -0.76 -9.86
C THR B 14 0.26 0.69 -9.77
N ASP B 15 1.09 1.60 -9.26
CA ASP B 15 0.77 3.05 -9.15
C ASP B 15 0.32 3.59 -10.53
N GLY B 16 0.93 3.16 -11.62
CA GLY B 16 0.54 3.58 -12.98
C GLY B 16 -0.80 3.01 -13.41
N ILE B 17 -1.01 1.70 -13.18
CA ILE B 17 -2.29 1.00 -13.49
C ILE B 17 -3.41 1.73 -12.76
N ILE B 18 -3.24 2.03 -11.46
CA ILE B 18 -4.32 2.70 -10.65
C ILE B 18 -4.60 4.07 -11.26
N GLY B 19 -3.53 4.76 -11.67
CA GLY B 19 -3.61 6.05 -12.37
C GLY B 19 -4.49 5.98 -13.60
N GLU B 20 -4.59 4.82 -14.27
CA GLU B 20 -5.47 4.66 -15.46
C GLU B 20 -6.94 4.81 -15.05
N ILE B 21 -7.44 3.99 -14.11
CA ILE B 21 -8.92 4.01 -13.84
C ILE B 21 -9.28 5.20 -12.94
N ARG B 22 -8.33 5.66 -12.13
CA ARG B 22 -8.49 6.75 -11.11
C ARG B 22 -9.71 7.62 -11.43
#